data_5UR1
#
_entry.id   5UR1
#
_cell.length_a   213.050
_cell.length_b   51.783
_cell.length_c   66.070
_cell.angle_alpha   90.00
_cell.angle_beta   106.87
_cell.angle_gamma   90.00
#
_symmetry.space_group_name_H-M   'C 1 2 1'
#
loop_
_entity.id
_entity.type
_entity.pdbx_description
1 polymer 'Fibroblast growth factor receptor 1'
2 non-polymer 3-(2,6-dichloro-3,5-dimethoxyphenyl)-1-{1-[4-(dimethylamino)but-2-enoyl]piperidin-4-yl}-7-(phenylamino)-3,4-dihydropyrimido[4,5-d]pyrimidin-2(1H)-one
3 water water
#
_entity_poly.entity_id   1
_entity_poly.type   'polypeptide(L)'
_entity_poly.pdbx_seq_one_letter_code
;GAMSGVSEYELPEDPRWELPRDRLVLGKPLGEGAFGQVVLAEAIGLDKDKPNRVTKVAVKMLKSDATEKDLSDLISEMEM
MKMIGKHKNIINLLGACTQDGPLYVIVEYASKGNLREYLQARRPPGLEYSYNPSHNPEEQLSSKDLVSCAYQVARGMEYL
ASKKCIHRDLAARNVLVTEDNVMKIADFGLARDIHHIDYYKKTTNGRLPVKWMAPEALFDRIYTHQSDVWSFGVLLWEIF
TLGGSPYPGVPVEELFKLLKEGHRMDKPSNCTNELYMMMRDCWHAVPSQRPTFKQLVEDLDRIVALTSNQE
;
_entity_poly.pdbx_strand_id   A,B
#
# COMPACT_ATOMS: atom_id res chain seq x y z
N GLU A 10 -44.89 16.97 10.77
CA GLU A 10 -43.40 16.77 10.72
C GLU A 10 -43.00 15.40 11.27
N LEU A 11 -41.70 15.10 11.14
CA LEU A 11 -41.13 13.80 11.53
C LEU A 11 -40.99 13.70 13.06
N PRO A 12 -41.16 12.49 13.60
CA PRO A 12 -41.09 12.27 15.04
C PRO A 12 -39.65 12.08 15.51
N GLU A 13 -39.33 12.58 16.69
CA GLU A 13 -37.97 12.44 17.23
C GLU A 13 -37.71 11.02 17.72
N ASP A 14 -36.50 10.54 17.51
CA ASP A 14 -36.06 9.26 18.02
C ASP A 14 -34.80 9.52 18.85
N PRO A 15 -34.92 9.45 20.18
CA PRO A 15 -33.78 9.86 21.00
C PRO A 15 -32.56 8.93 20.94
N ARG A 16 -32.71 7.73 20.37
CA ARG A 16 -31.58 6.83 20.20
C ARG A 16 -30.56 7.44 19.23
N TRP A 17 -31.05 8.22 18.27
CA TRP A 17 -30.20 8.73 17.21
C TRP A 17 -30.12 10.25 17.11
N GLU A 18 -30.98 10.98 17.80
CA GLU A 18 -31.04 12.44 17.65
C GLU A 18 -29.75 13.12 18.11
N LEU A 19 -29.29 14.05 17.31
CA LEU A 19 -28.16 14.92 17.67
C LEU A 19 -28.63 16.34 17.48
N PRO A 20 -28.38 17.23 18.45
CA PRO A 20 -28.80 18.60 18.20
C PRO A 20 -28.13 19.19 16.96
N ARG A 21 -28.89 19.98 16.23
CA ARG A 21 -28.45 20.58 14.98
C ARG A 21 -27.15 21.39 15.13
N ASP A 22 -27.01 22.12 16.23
CA ASP A 22 -25.82 22.96 16.40
C ASP A 22 -24.54 22.19 16.75
N ARG A 23 -24.65 20.88 17.02
CA ARG A 23 -23.47 20.01 17.19
C ARG A 23 -22.87 19.55 15.86
N LEU A 24 -23.42 20.06 14.77
CA LEU A 24 -23.02 19.66 13.45
C LEU A 24 -22.52 20.86 12.65
N VAL A 25 -21.23 20.87 12.31
CA VAL A 25 -20.66 21.91 11.45
C VAL A 25 -20.58 21.40 10.01
N LEU A 26 -21.47 21.92 9.17
CA LEU A 26 -21.58 21.51 7.78
C LEU A 26 -20.36 21.96 6.99
N GLY A 27 -19.74 21.03 6.27
CA GLY A 27 -18.56 21.34 5.47
C GLY A 27 -18.82 21.29 3.96
N LYS A 28 -17.88 20.72 3.22
CA LYS A 28 -17.93 20.80 1.76
C LYS A 28 -18.80 19.74 1.10
N PRO A 29 -19.52 20.14 0.03
CA PRO A 29 -20.19 19.16 -0.82
C PRO A 29 -19.35 17.92 -1.11
N LEU A 30 -19.93 16.74 -0.90
CA LEU A 30 -19.29 15.51 -1.34
C LEU A 30 -19.93 15.02 -2.64
N GLY A 31 -21.00 15.69 -3.06
CA GLY A 31 -21.72 15.35 -4.30
C GLY A 31 -23.07 14.75 -4.01
N GLU A 32 -23.83 14.50 -5.09
CA GLU A 32 -25.14 13.81 -5.01
C GLU A 32 -24.96 12.34 -4.65
N GLY A 33 -25.83 11.84 -3.77
CA GLY A 33 -25.73 10.47 -3.27
C GLY A 33 -27.01 9.94 -2.67
N PHE A 35 -30.70 9.68 -3.14
CA PHE A 35 -31.98 10.39 -3.03
C PHE A 35 -31.80 11.88 -2.74
N GLY A 36 -30.56 12.34 -2.62
CA GLY A 36 -30.29 13.75 -2.33
C GLY A 36 -28.81 14.03 -2.35
N GLN A 37 -28.39 14.97 -1.51
CA GLN A 37 -27.00 15.44 -1.53
C GLN A 37 -26.27 15.10 -0.25
N VAL A 38 -25.00 14.79 -0.40
CA VAL A 38 -24.16 14.45 0.73
C VAL A 38 -23.13 15.55 0.96
N VAL A 39 -23.01 16.00 2.20
CA VAL A 39 -21.93 16.93 2.58
C VAL A 39 -21.03 16.33 3.66
N LEU A 40 -19.81 16.83 3.70
CA LEU A 40 -18.86 16.47 4.74
C LEU A 40 -19.18 17.39 5.90
N ALA A 41 -19.01 16.88 7.11
CA ALA A 41 -19.28 17.71 8.29
C ALA A 41 -18.48 17.25 9.48
N GLU A 42 -18.51 18.06 10.52
CA GLU A 42 -17.93 17.69 11.79
C GLU A 42 -19.00 17.60 12.88
N ALA A 43 -19.03 16.49 13.61
CA ALA A 43 -19.96 16.34 14.72
C ALA A 43 -19.19 16.55 16.00
N ILE A 44 -19.73 17.40 16.86
CA ILE A 44 -19.09 17.72 18.13
C ILE A 44 -19.79 16.88 19.21
N GLY A 45 -19.03 16.05 19.90
CA GLY A 45 -19.58 15.22 20.97
C GLY A 45 -20.57 14.20 20.44
N LEU A 46 -20.22 13.55 19.34
CA LEU A 46 -21.06 12.50 18.82
C LEU A 46 -21.14 11.46 19.92
N ASP A 47 -19.99 11.11 20.48
CA ASP A 47 -19.94 10.33 21.71
C ASP A 47 -20.33 11.26 22.87
N LYS A 48 -21.49 10.99 23.49
CA LYS A 48 -21.98 11.77 24.62
C LYS A 48 -21.03 11.74 25.82
N ASP A 49 -20.32 10.62 26.02
CA ASP A 49 -19.29 10.50 27.07
C ASP A 49 -17.89 10.81 26.50
N LYS A 50 -17.75 12.03 25.99
CA LYS A 50 -16.52 12.57 25.39
C LYS A 50 -16.94 13.76 24.52
N PRO A 51 -17.52 14.81 25.16
CA PRO A 51 -18.30 15.80 24.41
C PRO A 51 -17.50 16.88 23.69
N ASN A 52 -16.19 17.00 23.94
CA ASN A 52 -15.36 18.03 23.33
C ASN A 52 -14.56 17.55 22.12
N ARG A 53 -14.90 16.37 21.61
CA ARG A 53 -14.25 15.78 20.47
C ARG A 53 -15.08 16.06 19.22
N VAL A 54 -14.38 16.37 18.14
CA VAL A 54 -14.99 16.55 16.84
C VAL A 54 -14.75 15.26 16.07
N THR A 55 -15.76 14.78 15.35
CA THR A 55 -15.62 13.61 14.51
C THR A 55 -16.07 13.95 13.09
N LYS A 56 -15.25 13.60 12.11
CA LYS A 56 -15.61 13.85 10.71
C LYS A 56 -16.69 12.87 10.31
N VAL A 57 -17.78 13.40 9.74
CA VAL A 57 -18.93 12.56 9.35
C VAL A 57 -19.46 12.98 8.00
N ALA A 58 -20.38 12.18 7.46
CA ALA A 58 -21.02 12.52 6.22
C ALA A 58 -22.48 12.66 6.52
N VAL A 59 -23.13 13.62 5.86
CA VAL A 59 -24.50 13.97 6.15
C VAL A 59 -25.32 13.99 4.88
N LYS A 60 -26.48 13.36 4.90
CA LYS A 60 -27.37 13.39 3.75
C LYS A 60 -28.61 14.24 4.02
N MET A 61 -28.99 15.03 3.02
CA MET A 61 -30.13 15.95 3.08
C MET A 61 -30.83 16.06 1.71
N LEU A 62 -32.06 16.54 1.69
CA LEU A 62 -32.81 16.63 0.43
C LEU A 62 -32.43 17.88 -0.36
N LYS A 63 -32.48 17.78 -1.69
CA LYS A 63 -32.23 18.92 -2.56
C LYS A 63 -33.34 19.97 -2.48
N SER A 64 -33.07 21.18 -2.98
CA SER A 64 -34.02 22.29 -2.89
C SER A 64 -35.29 21.98 -3.69
N ASP A 65 -35.11 21.56 -4.94
CA ASP A 65 -36.21 21.08 -5.78
C ASP A 65 -36.27 19.55 -5.66
N ALA A 66 -36.74 19.09 -4.49
CA ALA A 66 -36.95 17.69 -4.20
C ALA A 66 -38.41 17.48 -3.80
N THR A 67 -38.87 16.23 -3.98
CA THR A 67 -40.30 15.89 -3.90
C THR A 67 -40.69 15.19 -2.60
N GLU A 68 -41.97 14.87 -2.45
CA GLU A 68 -42.45 14.09 -1.30
C GLU A 68 -41.89 12.65 -1.35
N LYS A 69 -41.75 12.10 -2.56
CA LYS A 69 -41.17 10.78 -2.75
C LYS A 69 -39.72 10.78 -2.28
N ASP A 70 -39.00 11.86 -2.56
CA ASP A 70 -37.61 11.98 -2.14
C ASP A 70 -37.50 11.92 -0.62
N LEU A 71 -38.39 12.63 0.07
CA LEU A 71 -38.42 12.60 1.54
C LEU A 71 -38.75 11.23 2.12
N SER A 72 -39.85 10.65 1.68
CA SER A 72 -40.27 9.35 2.22
C SER A 72 -39.15 8.30 2.04
N ASP A 73 -38.49 8.33 0.90
CA ASP A 73 -37.37 7.42 0.62
C ASP A 73 -36.14 7.66 1.52
N LEU A 74 -35.89 8.94 1.82
CA LEU A 74 -34.81 9.31 2.73
C LEU A 74 -35.08 8.81 4.13
N ILE A 75 -36.34 8.90 4.56
CA ILE A 75 -36.75 8.41 5.88
C ILE A 75 -36.61 6.88 5.94
N SER A 76 -37.18 6.19 4.93
CA SER A 76 -37.11 4.73 4.86
C SER A 76 -35.69 4.23 4.95
N GLU A 77 -34.80 4.77 4.11
CA GLU A 77 -33.37 4.47 4.20
C GLU A 77 -32.80 4.58 5.61
N MET A 78 -33.09 5.69 6.29
CA MET A 78 -32.60 5.87 7.66
C MET A 78 -33.14 4.77 8.57
N GLU A 79 -34.46 4.60 8.57
CA GLU A 79 -35.12 3.62 9.44
C GLU A 79 -34.60 2.22 9.16
N MET A 80 -34.40 1.92 7.88
CA MET A 80 -33.83 0.64 7.45
C MET A 80 -32.44 0.42 8.05
N MET A 81 -31.60 1.45 7.99
CA MET A 81 -30.25 1.42 8.58
C MET A 81 -30.30 1.20 10.10
N LYS A 82 -31.23 1.88 10.77
CA LYS A 82 -31.43 1.60 12.21
C LYS A 82 -31.59 0.10 12.51
N MET A 83 -32.40 -0.58 11.70
CA MET A 83 -32.73 -2.01 11.91
C MET A 83 -31.56 -2.93 11.60
N ILE A 84 -30.86 -2.64 10.49
CA ILE A 84 -29.80 -3.52 10.01
C ILE A 84 -28.67 -3.62 11.03
N GLY A 85 -28.43 -2.54 11.77
CA GLY A 85 -27.41 -2.55 12.79
C GLY A 85 -26.00 -2.37 12.22
N LYS A 86 -25.04 -2.55 13.11
CA LYS A 86 -23.66 -2.09 12.97
C LYS A 86 -22.76 -3.17 12.39
N HIS A 87 -21.98 -2.85 11.38
CA HIS A 87 -20.87 -3.72 10.98
C HIS A 87 -19.70 -2.88 10.50
N LYS A 88 -18.49 -3.31 10.79
CA LYS A 88 -17.36 -2.47 10.47
C LYS A 88 -17.14 -2.31 8.97
N ASN A 89 -17.58 -3.30 8.19
CA ASN A 89 -17.50 -3.24 6.73
C ASN A 89 -18.76 -2.78 5.98
N ILE A 90 -19.62 -2.01 6.63
CA ILE A 90 -20.68 -1.24 5.96
C ILE A 90 -20.59 0.23 6.41
N ILE A 91 -21.19 1.13 5.65
CA ILE A 91 -21.33 2.53 6.08
C ILE A 91 -22.41 2.56 7.12
N ASN A 92 -22.05 2.85 8.36
CA ASN A 92 -22.99 2.85 9.48
C ASN A 92 -23.68 4.17 9.76
N LEU A 93 -24.87 4.09 10.34
CA LEU A 93 -25.65 5.22 10.81
C LEU A 93 -25.03 5.70 12.10
N LEU A 94 -24.87 7.02 12.22
CA LEU A 94 -24.33 7.60 13.44
C LEU A 94 -25.32 8.51 14.19
N GLY A 95 -26.27 9.10 13.49
CA GLY A 95 -27.23 9.98 14.14
C GLY A 95 -28.10 10.70 13.13
N ALA A 96 -28.94 11.62 13.62
CA ALA A 96 -29.84 12.35 12.74
C ALA A 96 -30.28 13.63 13.40
N CYS A 97 -30.48 14.68 12.61
CA CYS A 97 -31.15 15.89 13.06
C CYS A 97 -32.49 15.92 12.37
N THR A 98 -33.55 15.81 13.16
CA THR A 98 -34.89 15.60 12.64
C THR A 98 -35.87 16.69 13.00
N GLN A 99 -35.51 17.57 13.93
CA GLN A 99 -36.48 18.46 14.62
C GLN A 99 -36.41 19.97 14.33
N ASP A 100 -35.22 20.52 14.16
CA ASP A 100 -35.10 22.00 14.09
C ASP A 100 -35.18 22.55 12.67
N GLY A 101 -35.68 21.76 11.72
CA GLY A 101 -35.63 22.09 10.29
C GLY A 101 -35.33 20.85 9.47
N PRO A 102 -34.52 20.99 8.39
CA PRO A 102 -34.37 19.90 7.41
C PRO A 102 -33.80 18.61 7.97
N LEU A 103 -34.30 17.47 7.47
CA LEU A 103 -33.83 16.17 7.93
C LEU A 103 -32.37 15.98 7.50
N TYR A 104 -31.51 15.62 8.46
CA TYR A 104 -30.11 15.30 8.21
C TYR A 104 -29.88 13.88 8.70
N VAL A 105 -29.32 13.03 7.87
CA VAL A 105 -28.96 11.67 8.26
C VAL A 105 -27.47 11.65 8.35
N ILE A 106 -26.91 11.19 9.46
CA ILE A 106 -25.48 11.27 9.68
C ILE A 106 -24.87 9.88 9.63
N VAL A 107 -23.88 9.69 8.78
CA VAL A 107 -23.28 8.38 8.60
C VAL A 107 -21.78 8.49 8.58
N GLU A 108 -21.11 7.37 8.76
CA GLU A 108 -19.64 7.35 8.79
C GLU A 108 -19.05 7.97 7.52
N TYR A 109 -17.88 8.59 7.63
CA TYR A 109 -17.22 9.24 6.45
C TYR A 109 -16.07 8.37 5.95
N ALA A 110 -16.00 8.19 4.63
CA ALA A 110 -14.92 7.44 3.98
C ALA A 110 -14.06 8.41 3.19
N SER A 111 -12.95 8.86 3.79
CA SER A 111 -12.09 9.90 3.17
C SER A 111 -11.46 9.54 1.84
N LYS A 112 -11.31 8.25 1.53
CA LYS A 112 -10.62 7.89 0.31
C LYS A 112 -11.51 7.59 -0.87
N GLY A 113 -12.81 7.81 -0.73
CA GLY A 113 -13.72 7.71 -1.88
C GLY A 113 -14.09 6.28 -2.20
N ASN A 114 -14.63 6.04 -3.38
CA ASN A 114 -15.09 4.69 -3.72
C ASN A 114 -13.99 3.78 -4.24
N LEU A 115 -14.21 2.48 -4.16
CA LEU A 115 -13.18 1.49 -4.51
C LEU A 115 -12.73 1.58 -5.95
N ARG A 116 -13.65 1.76 -6.89
CA ARG A 116 -13.28 1.77 -8.29
C ARG A 116 -12.22 2.81 -8.55
N GLU A 117 -12.42 4.01 -8.03
CA GLU A 117 -11.47 5.11 -8.25
C GLU A 117 -10.21 4.98 -7.42
N TYR A 118 -10.35 4.41 -6.23
CA TYR A 118 -9.22 4.07 -5.37
C TYR A 118 -8.27 3.14 -6.11
N LEU A 119 -8.84 2.15 -6.79
CA LEU A 119 -8.06 1.16 -7.52
C LEU A 119 -7.42 1.77 -8.76
N GLN A 120 -8.23 2.44 -9.55
CA GLN A 120 -7.74 3.09 -10.77
C GLN A 120 -6.58 4.04 -10.51
N ALA A 121 -6.64 4.76 -9.41
CA ALA A 121 -5.58 5.71 -9.06
C ALA A 121 -4.30 4.99 -8.68
N ARG A 122 -4.40 3.71 -8.29
CA ARG A 122 -3.24 2.94 -7.85
C ARG A 122 -2.71 2.00 -8.92
N ARG A 123 -3.10 2.23 -10.17
CA ARG A 123 -2.52 1.55 -11.33
C ARG A 123 -1.15 2.11 -11.66
N PRO A 124 -0.22 1.25 -12.09
CA PRO A 124 1.02 1.82 -12.61
C PRO A 124 0.85 2.71 -13.84
N PRO A 125 1.80 3.62 -14.10
CA PRO A 125 1.91 4.13 -15.48
C PRO A 125 2.38 3.05 -16.46
N TYR A 131 -4.46 1.85 -17.91
CA TYR A 131 -4.34 3.32 -18.03
C TYR A 131 -4.81 4.05 -16.76
N ASN A 132 -3.92 4.90 -16.23
CA ASN A 132 -4.17 5.64 -14.99
C ASN A 132 -4.70 7.05 -15.31
N PRO A 133 -6.02 7.27 -15.15
CA PRO A 133 -6.60 8.55 -15.54
C PRO A 133 -6.37 9.68 -14.52
N SER A 134 -5.73 9.36 -13.39
CA SER A 134 -5.47 10.35 -12.34
C SER A 134 -4.14 11.08 -12.59
N HIS A 135 -4.17 12.41 -12.44
CA HIS A 135 -2.94 13.23 -12.45
C HIS A 135 -2.31 13.22 -11.04
N ASN A 136 -3.07 12.73 -10.05
CA ASN A 136 -2.56 12.44 -8.70
C ASN A 136 -2.51 10.92 -8.40
N PRO A 137 -1.59 10.17 -9.04
CA PRO A 137 -1.51 8.73 -8.77
C PRO A 137 -1.10 8.43 -7.32
N GLU A 138 -1.42 7.23 -6.83
CA GLU A 138 -1.10 6.84 -5.46
C GLU A 138 -0.30 5.53 -5.45
N GLU A 139 0.19 5.14 -4.27
CA GLU A 139 1.09 3.98 -4.13
C GLU A 139 0.46 2.63 -4.47
N GLN A 140 1.25 1.80 -5.14
CA GLN A 140 0.86 0.49 -5.63
C GLN A 140 0.30 -0.39 -4.52
N LEU A 141 -0.68 -1.20 -4.85
CA LEU A 141 -1.25 -2.16 -3.90
C LEU A 141 -0.63 -3.52 -4.14
N SER A 142 -0.14 -4.15 -3.08
CA SER A 142 0.30 -5.55 -3.11
C SER A 142 -0.84 -6.51 -3.44
N SER A 143 -0.50 -7.75 -3.79
CA SER A 143 -1.53 -8.77 -4.03
C SER A 143 -2.30 -9.12 -2.77
N LYS A 144 -1.63 -9.11 -1.63
CA LYS A 144 -2.29 -9.30 -0.35
C LYS A 144 -3.33 -8.21 -0.11
N ASP A 145 -2.99 -6.95 -0.39
CA ASP A 145 -3.97 -5.86 -0.27
C ASP A 145 -5.24 -6.08 -1.09
N LEU A 146 -5.08 -6.59 -2.32
CA LEU A 146 -6.22 -6.80 -3.21
C LEU A 146 -7.14 -7.91 -2.73
N VAL A 147 -6.57 -9.03 -2.29
CA VAL A 147 -7.36 -10.12 -1.73
C VAL A 147 -8.06 -9.66 -0.43
N SER A 148 -7.29 -9.05 0.45
CA SER A 148 -7.87 -8.54 1.70
C SER A 148 -9.04 -7.53 1.44
N CYS A 149 -8.87 -6.72 0.42
CA CYS A 149 -9.95 -5.86 -0.01
C CYS A 149 -11.17 -6.73 -0.35
N ALA A 150 -10.97 -7.79 -1.13
CA ALA A 150 -12.08 -8.69 -1.47
C ALA A 150 -12.72 -9.29 -0.22
N TYR A 151 -11.89 -9.72 0.71
CA TYR A 151 -12.33 -10.31 1.96
C TYR A 151 -13.23 -9.36 2.74
N GLN A 152 -12.80 -8.11 2.92
CA GLN A 152 -13.62 -7.13 3.65
C GLN A 152 -14.99 -6.92 2.99
N VAL A 153 -15.00 -6.81 1.66
CA VAL A 153 -16.26 -6.63 0.94
C VAL A 153 -17.15 -7.85 1.18
N ALA A 154 -16.54 -9.03 1.22
CA ALA A 154 -17.31 -10.26 1.47
C ALA A 154 -17.86 -10.27 2.89
N ARG A 155 -17.06 -9.84 3.84
CA ARG A 155 -17.49 -9.76 5.23
C ARG A 155 -18.64 -8.83 5.37
N GLY A 156 -18.59 -7.73 4.66
CA GLY A 156 -19.69 -6.79 4.66
C GLY A 156 -20.97 -7.41 4.13
N MET A 157 -20.88 -8.08 2.99
CA MET A 157 -22.05 -8.69 2.38
C MET A 157 -22.59 -9.87 3.19
N GLU A 158 -21.69 -10.61 3.82
CA GLU A 158 -22.07 -11.70 4.70
C GLU A 158 -23.01 -11.15 5.78
N TYR A 159 -22.64 -10.01 6.35
CA TYR A 159 -23.46 -9.39 7.38
C TYR A 159 -24.79 -8.91 6.85
N LEU A 160 -24.78 -8.20 5.74
CA LEU A 160 -26.02 -7.77 5.13
C LEU A 160 -26.93 -8.96 4.80
N ALA A 161 -26.36 -10.02 4.24
CA ALA A 161 -27.15 -11.25 3.96
C ALA A 161 -27.72 -11.88 5.22
N SER A 162 -26.94 -11.95 6.30
CA SER A 162 -27.45 -12.48 7.58
C SER A 162 -28.60 -11.66 8.16
N LYS A 163 -28.69 -10.37 7.82
CA LYS A 163 -29.79 -9.51 8.24
C LYS A 163 -30.85 -9.46 7.16
N LYS A 164 -30.81 -10.46 6.26
CA LYS A 164 -31.76 -10.61 5.16
C LYS A 164 -31.84 -9.34 4.31
N CYS A 165 -30.74 -8.59 4.23
CA CYS A 165 -30.68 -7.41 3.40
C CYS A 165 -30.10 -7.80 2.05
N ILE A 166 -30.86 -7.52 0.98
CA ILE A 166 -30.47 -7.81 -0.40
C ILE A 166 -30.01 -6.50 -1.02
N HIS A 167 -28.75 -6.40 -1.40
CA HIS A 167 -28.21 -5.12 -1.89
C HIS A 167 -28.81 -4.68 -3.24
N ARG A 168 -28.68 -5.53 -4.27
CA ARG A 168 -29.19 -5.25 -5.63
C ARG A 168 -28.33 -4.40 -6.56
N ASP A 169 -27.26 -3.81 -6.06
CA ASP A 169 -26.40 -2.97 -6.91
C ASP A 169 -24.98 -2.96 -6.35
N LEU A 170 -24.49 -4.14 -5.99
CA LEU A 170 -23.17 -4.27 -5.47
C LEU A 170 -22.20 -4.08 -6.61
N ALA A 171 -21.14 -3.31 -6.37
CA ALA A 171 -20.17 -2.97 -7.39
C ALA A 171 -19.04 -2.19 -6.70
N ALA A 172 -17.90 -2.04 -7.35
CA ALA A 172 -16.77 -1.35 -6.67
C ALA A 172 -17.11 0.11 -6.39
N ARG A 173 -17.92 0.71 -7.24
CA ARG A 173 -18.35 2.11 -7.05
C ARG A 173 -19.19 2.27 -5.77
N ASN A 174 -19.84 1.18 -5.30
CA ASN A 174 -20.62 1.17 -4.07
C ASN A 174 -19.89 0.51 -2.91
N VAL A 175 -18.57 0.55 -2.95
CA VAL A 175 -17.76 0.25 -1.80
C VAL A 175 -16.93 1.50 -1.54
N LEU A 176 -16.87 1.94 -0.29
CA LEU A 176 -16.12 3.11 0.06
C LEU A 176 -14.97 2.69 0.93
N VAL A 177 -13.95 3.54 0.96
CA VAL A 177 -12.67 3.26 1.58
C VAL A 177 -12.34 4.35 2.62
N THR A 178 -12.16 3.94 3.87
CA THR A 178 -11.86 4.89 4.94
C THR A 178 -10.40 5.36 4.88
N GLU A 179 -10.11 6.37 5.69
CA GLU A 179 -8.75 6.86 5.90
C GLU A 179 -7.77 5.72 6.21
N ASP A 180 -8.26 4.70 6.90
CA ASP A 180 -7.42 3.57 7.25
C ASP A 180 -7.65 2.38 6.33
N ASN A 181 -8.19 2.63 5.13
CA ASN A 181 -8.33 1.60 4.10
C ASN A 181 -9.22 0.43 4.51
N VAL A 182 -10.19 0.70 5.38
CA VAL A 182 -11.22 -0.26 5.70
C VAL A 182 -12.28 -0.10 4.62
N MET A 183 -12.71 -1.23 4.03
CA MET A 183 -13.73 -1.23 2.98
C MET A 183 -15.11 -1.26 3.58
N LYS A 184 -16.01 -0.44 3.06
CA LYS A 184 -17.37 -0.33 3.59
C LYS A 184 -18.44 -0.34 2.51
N ILE A 185 -19.39 -1.26 2.59
CA ILE A 185 -20.47 -1.32 1.62
C ILE A 185 -21.31 -0.06 1.70
N ALA A 186 -21.61 0.55 0.56
CA ALA A 186 -22.45 1.73 0.48
C ALA A 186 -23.84 1.40 -0.08
N ASP A 187 -24.83 2.24 0.24
CA ASP A 187 -26.17 2.23 -0.38
C ASP A 187 -26.84 0.86 -0.39
N PHE A 188 -26.75 0.21 0.76
CA PHE A 188 -27.31 -1.10 0.97
C PHE A 188 -28.74 -1.07 1.49
N GLY A 189 -29.34 0.11 1.66
CA GLY A 189 -30.67 0.15 2.27
C GLY A 189 -31.77 0.76 1.41
N LEU A 190 -31.55 0.81 0.10
CA LEU A 190 -32.35 1.67 -0.76
C LEU A 190 -33.68 1.04 -1.12
N PRO A 209 -24.92 -0.42 -14.98
CA PRO A 209 -25.46 -1.22 -13.87
C PRO A 209 -25.90 -2.64 -14.27
N VAL A 210 -26.49 -2.81 -15.46
CA VAL A 210 -26.84 -4.14 -15.95
C VAL A 210 -25.63 -5.08 -15.96
N LYS A 211 -24.44 -4.51 -16.15
CA LYS A 211 -23.21 -5.30 -16.21
C LYS A 211 -22.81 -5.95 -14.91
N TRP A 212 -23.47 -5.57 -13.80
CA TRP A 212 -23.24 -6.23 -12.51
C TRP A 212 -24.40 -7.14 -12.08
N MET A 213 -25.42 -7.27 -12.91
CA MET A 213 -26.63 -7.98 -12.53
C MET A 213 -26.59 -9.42 -12.97
N ALA A 214 -27.01 -10.31 -12.07
CA ALA A 214 -27.28 -11.70 -12.45
C ALA A 214 -28.32 -11.76 -13.58
N PRO A 215 -28.20 -12.76 -14.44
CA PRO A 215 -29.16 -12.96 -15.52
C PRO A 215 -30.61 -12.97 -15.03
N GLU A 216 -30.87 -13.68 -13.93
CA GLU A 216 -32.24 -13.78 -13.42
C GLU A 216 -32.75 -12.40 -12.92
N ALA A 217 -31.83 -11.53 -12.47
CA ALA A 217 -32.22 -10.16 -12.09
C ALA A 217 -32.50 -9.37 -13.35
N LEU A 218 -31.63 -9.52 -14.34
CA LEU A 218 -31.72 -8.82 -15.61
C LEU A 218 -32.95 -9.22 -16.42
N PHE A 219 -33.28 -10.50 -16.44
CA PHE A 219 -34.39 -10.97 -17.27
C PHE A 219 -35.72 -10.79 -16.56
N ASP A 220 -35.77 -11.16 -15.28
CA ASP A 220 -37.05 -11.35 -14.60
C ASP A 220 -37.23 -10.51 -13.33
N ARG A 221 -36.30 -9.58 -13.09
CA ARG A 221 -36.28 -8.74 -11.87
C ARG A 221 -36.35 -9.55 -10.55
N ILE A 222 -35.69 -10.71 -10.53
CA ILE A 222 -35.62 -11.58 -9.36
C ILE A 222 -34.29 -11.36 -8.68
N TYR A 223 -34.31 -10.54 -7.64
CA TYR A 223 -33.13 -10.22 -6.90
C TYR A 223 -33.12 -11.08 -5.64
N THR A 224 -31.99 -11.71 -5.36
CA THR A 224 -31.81 -12.55 -4.17
C THR A 224 -30.41 -12.30 -3.60
N HIS A 225 -30.09 -13.02 -2.53
CA HIS A 225 -28.72 -13.02 -2.03
C HIS A 225 -27.81 -13.63 -3.08
N GLN A 226 -28.32 -14.64 -3.77
CA GLN A 226 -27.56 -15.30 -4.83
C GLN A 226 -27.21 -14.40 -5.99
N SER A 227 -28.10 -13.47 -6.34
CA SER A 227 -27.79 -12.52 -7.39
C SER A 227 -26.75 -11.50 -6.92
N ASP A 228 -26.76 -11.15 -5.63
CA ASP A 228 -25.70 -10.30 -5.06
C ASP A 228 -24.38 -11.04 -5.16
N VAL A 229 -24.41 -12.37 -4.98
CA VAL A 229 -23.18 -13.16 -5.15
C VAL A 229 -22.64 -13.07 -6.57
N TRP A 230 -23.51 -13.10 -7.57
CA TRP A 230 -23.08 -12.84 -8.94
C TRP A 230 -22.41 -11.45 -9.00
N SER A 231 -23.05 -10.47 -8.37
CA SER A 231 -22.54 -9.09 -8.46
C SER A 231 -21.15 -9.02 -7.85
N PHE A 232 -20.97 -9.72 -6.74
CA PHE A 232 -19.66 -9.84 -6.11
C PHE A 232 -18.56 -10.43 -7.03
N GLY A 233 -18.87 -11.47 -7.81
CA GLY A 233 -17.92 -11.96 -8.80
C GLY A 233 -17.43 -10.87 -9.76
N VAL A 234 -18.37 -10.05 -10.25
CA VAL A 234 -18.01 -8.94 -11.10
C VAL A 234 -17.10 -7.97 -10.32
N LEU A 235 -17.44 -7.74 -9.04
CA LEU A 235 -16.66 -6.86 -8.20
C LEU A 235 -15.24 -7.41 -8.00
N LEU A 236 -15.13 -8.71 -7.81
CA LEU A 236 -13.82 -9.38 -7.77
C LEU A 236 -13.02 -9.08 -9.02
N TRP A 237 -13.66 -9.24 -10.17
CA TRP A 237 -13.04 -8.88 -11.45
C TRP A 237 -12.60 -7.39 -11.51
N GLU A 238 -13.37 -6.49 -10.93
CA GLU A 238 -12.96 -5.06 -10.88
C GLU A 238 -11.69 -4.94 -10.03
N ILE A 239 -11.65 -5.64 -8.91
CA ILE A 239 -10.50 -5.55 -8.03
C ILE A 239 -9.24 -5.95 -8.78
N PHE A 240 -9.27 -7.07 -9.48
CA PHE A 240 -8.02 -7.59 -10.05
C PHE A 240 -7.68 -7.08 -11.45
N THR A 241 -8.47 -6.17 -11.98
CA THR A 241 -8.13 -5.35 -13.14
C THR A 241 -7.89 -3.90 -12.63
N LEU A 242 -7.77 -3.73 -11.31
CA LEU A 242 -7.58 -2.42 -10.71
C LEU A 242 -8.61 -1.39 -11.21
N GLY A 243 -9.86 -1.81 -11.13
CA GLY A 243 -11.00 -1.00 -11.55
C GLY A 243 -11.32 -0.98 -13.02
N GLY A 244 -11.21 -2.13 -13.71
CA GLY A 244 -11.55 -2.21 -15.15
C GLY A 244 -13.04 -2.11 -15.44
N SER A 245 -13.40 -1.65 -16.64
CA SER A 245 -14.81 -1.73 -17.09
C SER A 245 -15.19 -3.17 -17.50
N PRO A 246 -16.17 -3.77 -16.84
CA PRO A 246 -16.59 -5.13 -17.24
C PRO A 246 -17.11 -5.20 -18.67
N TYR A 247 -16.89 -6.30 -19.36
CA TYR A 247 -17.41 -6.47 -20.70
C TYR A 247 -17.14 -5.26 -21.58
N PRO A 248 -15.86 -4.85 -21.66
CA PRO A 248 -15.63 -3.62 -22.41
C PRO A 248 -15.99 -3.78 -23.89
N GLY A 249 -16.71 -2.78 -24.42
CA GLY A 249 -17.19 -2.81 -25.78
C GLY A 249 -18.47 -3.59 -26.04
N VAL A 250 -18.97 -4.33 -25.06
CA VAL A 250 -20.17 -5.11 -25.26
C VAL A 250 -21.38 -4.22 -25.07
N PRO A 251 -22.27 -4.16 -26.07
CA PRO A 251 -23.47 -3.36 -25.91
C PRO A 251 -24.45 -3.97 -24.91
N VAL A 252 -25.16 -3.09 -24.22
CA VAL A 252 -26.05 -3.49 -23.15
C VAL A 252 -27.17 -4.38 -23.66
N GLU A 253 -27.72 -4.03 -24.84
CA GLU A 253 -28.77 -4.85 -25.45
C GLU A 253 -28.31 -6.28 -25.78
N GLU A 254 -27.03 -6.45 -26.08
CA GLU A 254 -26.51 -7.77 -26.46
C GLU A 254 -26.25 -8.66 -25.24
N LEU A 255 -25.84 -8.03 -24.13
CA LEU A 255 -25.23 -8.73 -23.00
C LEU A 255 -26.01 -9.95 -22.49
N PHE A 256 -27.31 -9.80 -22.22
CA PHE A 256 -28.13 -10.92 -21.69
C PHE A 256 -28.06 -12.17 -22.59
N LYS A 257 -28.31 -11.96 -23.88
CA LYS A 257 -28.16 -13.03 -24.87
C LYS A 257 -26.82 -13.74 -24.69
N LEU A 258 -25.75 -12.95 -24.70
CA LEU A 258 -24.41 -13.47 -24.59
C LEU A 258 -24.20 -14.22 -23.28
N LEU A 259 -24.79 -13.72 -22.19
CA LEU A 259 -24.73 -14.42 -20.91
C LEU A 259 -25.49 -15.75 -20.95
N LYS A 260 -26.69 -15.76 -21.55
CA LYS A 260 -27.46 -17.02 -21.71
C LYS A 260 -26.64 -18.03 -22.49
N GLU A 261 -25.96 -17.56 -23.55
CA GLU A 261 -25.02 -18.38 -24.34
C GLU A 261 -23.85 -18.95 -23.52
N GLY A 262 -23.67 -18.48 -22.29
CA GLY A 262 -22.53 -18.91 -21.47
C GLY A 262 -21.27 -18.04 -21.58
N HIS A 263 -21.43 -16.83 -22.11
CA HIS A 263 -20.30 -15.90 -22.15
C HIS A 263 -19.94 -15.46 -20.72
N ARG A 264 -18.65 -15.54 -20.38
CA ARG A 264 -18.12 -15.04 -19.10
C ARG A 264 -16.85 -14.28 -19.38
N MET A 265 -16.59 -13.21 -18.61
CA MET A 265 -15.36 -12.44 -18.79
C MET A 265 -14.14 -13.36 -18.70
N ASP A 266 -13.09 -13.01 -19.45
CA ASP A 266 -11.76 -13.64 -19.37
C ASP A 266 -11.11 -13.37 -18.02
N LYS A 267 -10.13 -14.19 -17.67
CA LYS A 267 -9.37 -13.95 -16.46
C LYS A 267 -8.53 -12.68 -16.60
N PRO A 268 -8.58 -11.78 -15.62
CA PRO A 268 -7.70 -10.61 -15.70
C PRO A 268 -6.23 -11.03 -15.88
N SER A 269 -5.46 -10.23 -16.60
CA SER A 269 -4.07 -10.55 -16.88
C SER A 269 -3.27 -10.94 -15.63
N ASN A 270 -3.41 -10.17 -14.56
CA ASN A 270 -2.77 -10.50 -13.27
C ASN A 270 -3.75 -10.93 -12.23
N CYS A 271 -4.03 -12.22 -12.25
CA CYS A 271 -4.96 -12.80 -11.30
C CYS A 271 -4.68 -14.29 -11.24
N THR A 272 -4.75 -14.86 -10.04
CA THR A 272 -4.51 -16.29 -9.88
C THR A 272 -5.66 -17.09 -10.47
N ASN A 273 -5.37 -18.32 -10.87
CA ASN A 273 -6.39 -19.20 -11.39
C ASN A 273 -7.46 -19.39 -10.32
N GLU A 274 -7.03 -19.59 -9.09
CA GLU A 274 -7.92 -19.80 -7.95
C GLU A 274 -8.93 -18.67 -7.77
N LEU A 275 -8.45 -17.43 -7.83
CA LEU A 275 -9.31 -16.29 -7.72
C LEU A 275 -10.25 -16.17 -8.91
N TYR A 276 -9.76 -16.50 -10.09
CA TYR A 276 -10.62 -16.59 -11.26
C TYR A 276 -11.71 -17.67 -11.13
N MET A 277 -11.36 -18.82 -10.55
CA MET A 277 -12.35 -19.88 -10.36
C MET A 277 -13.45 -19.37 -9.44
N MET A 278 -13.03 -18.60 -8.43
CA MET A 278 -14.00 -18.00 -7.51
C MET A 278 -14.93 -17.05 -8.28
N MET A 279 -14.38 -16.19 -9.12
CA MET A 279 -15.22 -15.37 -10.00
C MET A 279 -16.23 -16.25 -10.74
N ARG A 280 -15.71 -17.29 -11.37
CA ARG A 280 -16.53 -18.16 -12.21
C ARG A 280 -17.68 -18.83 -11.44
N ASP A 281 -17.39 -19.32 -10.24
CA ASP A 281 -18.46 -19.92 -9.41
C ASP A 281 -19.57 -18.90 -9.05
N CYS A 282 -19.16 -17.65 -8.77
CA CYS A 282 -20.12 -16.59 -8.48
C CYS A 282 -21.04 -16.36 -9.68
N TRP A 283 -20.50 -16.55 -10.88
CA TRP A 283 -21.27 -16.43 -12.10
C TRP A 283 -21.89 -17.75 -12.60
N HIS A 284 -22.23 -18.65 -11.69
CA HIS A 284 -22.94 -19.86 -12.10
C HIS A 284 -24.28 -19.47 -12.69
N ALA A 285 -24.65 -20.07 -13.80
CA ALA A 285 -25.95 -19.82 -14.41
C ALA A 285 -27.06 -20.17 -13.42
N VAL A 286 -26.92 -21.31 -12.75
CA VAL A 286 -27.89 -21.76 -11.75
C VAL A 286 -27.63 -21.06 -10.41
N PRO A 287 -28.62 -20.31 -9.92
CA PRO A 287 -28.34 -19.51 -8.72
C PRO A 287 -28.08 -20.31 -7.44
N SER A 288 -28.72 -21.46 -7.33
CA SER A 288 -28.55 -22.35 -6.19
C SER A 288 -27.13 -22.90 -6.10
N GLN A 289 -26.42 -22.91 -7.23
CA GLN A 289 -25.07 -23.47 -7.34
C GLN A 289 -23.93 -22.48 -7.09
N ARG A 290 -24.23 -21.21 -6.97
CA ARG A 290 -23.24 -20.20 -6.54
C ARG A 290 -22.80 -20.41 -5.10
N PRO A 291 -21.56 -20.03 -4.76
CA PRO A 291 -21.22 -20.01 -3.31
C PRO A 291 -22.03 -18.98 -2.54
N THR A 292 -22.21 -19.19 -1.24
CA THR A 292 -22.75 -18.15 -0.35
C THR A 292 -21.64 -17.19 0.09
N PHE A 293 -22.02 -16.02 0.61
CA PHE A 293 -21.06 -15.04 1.18
C PHE A 293 -20.32 -15.64 2.39
N LYS A 294 -21.04 -16.41 3.19
CA LYS A 294 -20.42 -17.21 4.23
C LYS A 294 -19.23 -17.99 3.72
N GLN A 295 -19.45 -18.78 2.67
N GLN A 295 -19.46 -18.78 2.66
CA GLN A 295 -18.38 -19.62 2.12
CA GLN A 295 -18.44 -19.63 2.06
C GLN A 295 -17.30 -18.75 1.47
C GLN A 295 -17.33 -18.77 1.46
N LEU A 296 -17.69 -17.69 0.77
CA LEU A 296 -16.73 -16.81 0.11
C LEU A 296 -15.79 -16.14 1.09
N VAL A 297 -16.33 -15.79 2.26
CA VAL A 297 -15.53 -15.22 3.32
C VAL A 297 -14.54 -16.27 3.83
N GLU A 298 -15.00 -17.50 4.02
CA GLU A 298 -14.10 -18.57 4.45
C GLU A 298 -12.98 -18.75 3.44
N ASP A 299 -13.33 -18.88 2.17
CA ASP A 299 -12.33 -19.12 1.13
C ASP A 299 -11.32 -17.96 1.08
N LEU A 300 -11.83 -16.74 1.11
CA LEU A 300 -10.98 -15.56 1.02
C LEU A 300 -10.08 -15.43 2.23
N ASP A 301 -10.64 -15.73 3.39
CA ASP A 301 -9.85 -15.75 4.60
C ASP A 301 -8.61 -16.64 4.42
N ARG A 302 -8.79 -17.83 3.85
CA ARG A 302 -7.67 -18.74 3.66
C ARG A 302 -6.70 -18.23 2.57
N ILE A 303 -7.21 -17.63 1.50
CA ILE A 303 -6.34 -17.12 0.45
C ILE A 303 -5.51 -15.93 0.93
N VAL A 304 -6.09 -15.08 1.77
CA VAL A 304 -5.34 -13.98 2.39
C VAL A 304 -4.19 -14.52 3.23
N ALA A 305 -4.46 -15.52 4.05
CA ALA A 305 -3.42 -16.06 4.92
C ALA A 305 -2.24 -16.62 4.11
N LEU A 306 -2.55 -17.18 2.95
CA LEU A 306 -1.56 -17.82 2.08
C LEU A 306 -0.86 -16.86 1.11
N THR A 307 -1.42 -15.67 0.92
CA THR A 307 -0.78 -14.61 0.14
C THR A 307 0.14 -13.79 1.07
N SER A 308 1.44 -13.74 0.76
CA SER A 308 2.37 -12.92 1.57
C SER A 308 2.35 -11.45 1.16
N ASN A 309 2.93 -10.60 2.03
CA ASN A 309 3.05 -9.17 1.78
C ASN A 309 3.91 -8.81 0.55
N GLN A 310 4.75 -9.73 0.09
CA GLN A 310 5.72 -9.43 -0.96
C GLN A 310 5.45 -10.02 -2.36
N GLU A 311 4.46 -10.90 -2.48
CA GLU A 311 4.15 -11.52 -3.79
C GLU A 311 3.86 -10.48 -4.87
N GLU B 10 6.68 27.19 12.08
CA GLU B 10 6.63 26.10 13.10
C GLU B 10 6.31 24.74 12.49
N LEU B 11 7.17 23.75 12.72
CA LEU B 11 6.87 22.37 12.41
C LEU B 11 6.14 21.74 13.61
N PRO B 12 5.48 20.57 13.42
CA PRO B 12 4.88 19.86 14.57
C PRO B 12 5.94 19.34 15.52
N GLU B 13 5.62 19.31 16.82
CA GLU B 13 6.51 18.73 17.83
C GLU B 13 6.31 17.21 17.87
N ASP B 14 7.35 16.48 18.26
CA ASP B 14 7.28 15.02 18.46
C ASP B 14 8.29 14.64 19.55
N PRO B 15 7.88 14.71 20.83
CA PRO B 15 8.84 14.65 21.92
C PRO B 15 9.50 13.29 22.13
N ARG B 16 9.08 12.28 21.39
CA ARG B 16 9.71 10.96 21.47
C ARG B 16 11.06 10.92 20.73
N TRP B 17 11.23 11.77 19.72
CA TRP B 17 12.49 11.85 18.97
C TRP B 17 13.22 13.19 19.08
N GLU B 18 12.61 14.18 19.72
CA GLU B 18 13.20 15.52 19.79
C GLU B 18 14.51 15.52 20.58
N LEU B 19 15.51 16.23 20.05
CA LEU B 19 16.78 16.47 20.75
C LEU B 19 17.02 17.96 20.91
N PRO B 20 17.33 18.42 22.15
CA PRO B 20 17.79 19.78 22.31
C PRO B 20 18.97 20.09 21.42
N ARG B 21 18.93 21.25 20.79
CA ARG B 21 20.01 21.70 19.91
C ARG B 21 21.36 21.76 20.60
N ASP B 22 21.39 22.02 21.90
CA ASP B 22 22.67 22.08 22.62
C ASP B 22 23.34 20.72 22.82
N ARG B 23 22.61 19.62 22.67
CA ARG B 23 23.25 18.31 22.75
C ARG B 23 23.83 17.87 21.39
N LEU B 24 23.70 18.71 20.37
CA LEU B 24 24.19 18.38 19.04
C LEU B 24 25.21 19.43 18.64
N VAL B 25 26.37 18.99 18.18
CA VAL B 25 27.41 19.88 17.73
C VAL B 25 27.73 19.57 16.28
N LEU B 26 27.29 20.43 15.37
CA LEU B 26 27.60 20.23 13.96
C LEU B 26 29.09 20.37 13.66
N GLY B 27 29.55 19.56 12.71
CA GLY B 27 30.95 19.52 12.31
C GLY B 27 31.09 19.46 10.80
N LYS B 28 32.00 18.62 10.31
CA LYS B 28 32.40 18.63 8.90
C LYS B 28 31.25 18.20 7.98
N PRO B 29 31.06 18.93 6.87
CA PRO B 29 30.15 18.46 5.82
C PRO B 29 30.44 17.03 5.41
N LEU B 30 29.41 16.33 4.93
CA LEU B 30 29.55 14.99 4.35
C LEU B 30 29.10 14.89 2.89
N GLY B 31 28.27 15.80 2.42
CA GLY B 31 27.88 15.79 1.01
C GLY B 31 26.40 15.99 0.82
N GLU B 32 26.01 16.11 -0.46
CA GLU B 32 24.61 16.25 -0.84
C GLU B 32 23.88 14.96 -0.48
N GLY B 33 22.63 14.87 -0.94
CA GLY B 33 21.83 13.67 -0.74
C GLY B 33 20.43 13.90 -1.26
N ALA B 34 19.50 13.07 -0.81
CA ALA B 34 18.09 13.30 -1.10
C ALA B 34 17.64 14.51 -0.29
N PHE B 35 16.94 15.42 -0.96
CA PHE B 35 16.24 16.56 -0.32
C PHE B 35 17.15 17.64 0.27
N GLY B 36 18.46 17.44 0.24
CA GLY B 36 19.38 18.42 0.82
C GLY B 36 20.68 17.85 1.33
N GLN B 37 21.36 18.64 2.15
CA GLN B 37 22.74 18.37 2.52
C GLN B 37 22.87 17.49 3.77
N VAL B 38 24.07 16.93 3.96
CA VAL B 38 24.32 16.06 5.10
C VAL B 38 25.63 16.41 5.74
N VAL B 39 25.67 16.41 7.07
CA VAL B 39 26.88 16.83 7.78
C VAL B 39 27.18 15.90 8.94
N LEU B 40 28.45 15.83 9.29
CA LEU B 40 28.88 15.09 10.44
C LEU B 40 28.64 15.95 11.66
N ALA B 41 28.13 15.33 12.72
CA ALA B 41 27.93 16.05 13.97
C ALA B 41 28.28 15.14 15.13
N GLU B 42 28.46 15.74 16.29
CA GLU B 42 28.65 15.04 17.55
C GLU B 42 27.39 15.20 18.37
N ALA B 43 26.91 14.13 18.98
CA ALA B 43 25.68 14.22 19.78
C ALA B 43 25.88 13.64 21.17
N ILE B 44 25.27 14.27 22.15
CA ILE B 44 25.39 13.86 23.55
C ILE B 44 24.14 13.13 24.01
N GLY B 45 24.31 11.87 24.41
CA GLY B 45 23.31 11.13 25.18
C GLY B 45 22.14 10.56 24.40
N LEU B 46 22.33 10.30 23.12
CA LEU B 46 21.22 9.80 22.29
C LEU B 46 20.53 8.57 22.88
N ASP B 47 21.28 7.68 23.54
CA ASP B 47 20.72 6.49 24.20
C ASP B 47 21.77 5.73 24.99
N LYS B 50 24.16 4.56 27.78
CA LYS B 50 25.34 5.44 27.81
C LYS B 50 24.96 6.92 27.62
N PRO B 51 24.12 7.48 28.51
CA PRO B 51 23.52 8.81 28.33
C PRO B 51 24.49 10.00 28.46
N ASN B 52 25.70 9.76 28.98
CA ASN B 52 26.76 10.76 28.98
C ASN B 52 27.75 10.62 27.79
N ARG B 53 27.49 9.70 26.86
CA ARG B 53 28.45 9.40 25.79
C ARG B 53 28.23 10.30 24.57
N VAL B 54 29.31 10.63 23.89
CA VAL B 54 29.28 11.48 22.71
C VAL B 54 29.35 10.63 21.45
N THR B 55 28.21 10.43 20.80
CA THR B 55 28.15 9.65 19.55
C THR B 55 28.36 10.53 18.30
N LYS B 56 29.22 10.09 17.40
CA LYS B 56 29.29 10.68 16.07
C LYS B 56 27.98 10.32 15.34
N VAL B 57 27.44 11.25 14.57
CA VAL B 57 26.16 11.02 13.87
C VAL B 57 26.16 11.76 12.55
N ALA B 58 25.21 11.41 11.68
CA ALA B 58 24.98 12.15 10.42
C ALA B 58 23.70 12.95 10.54
N VAL B 59 23.73 14.17 10.00
CA VAL B 59 22.60 15.04 10.12
C VAL B 59 22.19 15.52 8.74
N LYS B 60 20.93 15.29 8.38
CA LYS B 60 20.37 15.86 7.16
C LYS B 60 19.56 17.10 7.49
N MET B 61 19.83 18.15 6.72
CA MET B 61 19.14 19.42 6.86
C MET B 61 18.93 19.97 5.46
N LEU B 62 18.14 21.02 5.36
CA LEU B 62 17.91 21.65 4.08
C LEU B 62 19.07 22.53 3.68
N LYS B 63 19.38 22.50 2.38
CA LYS B 63 20.32 23.43 1.80
C LYS B 63 19.71 24.82 1.90
N SER B 64 20.56 25.83 1.89
CA SER B 64 20.15 27.21 2.05
C SER B 64 19.14 27.72 1.00
N ASP B 65 19.05 27.04 -0.13
CA ASP B 65 18.16 27.45 -1.23
C ASP B 65 16.93 26.55 -1.41
N ALA B 66 16.66 25.69 -0.41
CA ALA B 66 15.51 24.80 -0.46
C ALA B 66 14.21 25.57 -0.58
N THR B 67 13.15 24.84 -0.89
CA THR B 67 11.81 25.39 -1.00
C THR B 67 10.87 24.75 0.01
N GLU B 68 9.65 25.25 0.04
CA GLU B 68 8.57 24.60 0.77
C GLU B 68 8.48 23.12 0.34
N LYS B 69 8.60 22.85 -0.97
CA LYS B 69 8.57 21.47 -1.49
C LYS B 69 9.70 20.63 -0.90
N ASP B 70 10.91 21.18 -0.83
CA ASP B 70 12.02 20.41 -0.25
C ASP B 70 11.76 20.11 1.24
N LEU B 71 11.08 21.00 1.94
CA LEU B 71 10.84 20.82 3.38
C LEU B 71 9.83 19.71 3.66
N SER B 72 8.74 19.69 2.90
CA SER B 72 7.81 18.54 2.93
C SER B 72 8.52 17.23 2.69
N ASP B 73 9.39 17.20 1.70
CA ASP B 73 10.12 15.98 1.39
C ASP B 73 11.02 15.56 2.56
N LEU B 74 11.68 16.51 3.21
CA LEU B 74 12.55 16.14 4.32
C LEU B 74 11.72 15.62 5.49
N ILE B 75 10.58 16.27 5.72
CA ILE B 75 9.69 15.82 6.79
C ILE B 75 9.18 14.40 6.49
N SER B 76 8.82 14.13 5.22
CA SER B 76 8.31 12.79 4.84
C SER B 76 9.34 11.72 5.06
N GLU B 77 10.58 12.00 4.66
CA GLU B 77 11.65 11.03 4.88
C GLU B 77 11.79 10.76 6.37
N MET B 78 11.77 11.79 7.21
CA MET B 78 11.89 11.58 8.66
C MET B 78 10.74 10.70 9.16
N GLU B 79 9.52 11.04 8.79
CA GLU B 79 8.35 10.28 9.24
C GLU B 79 8.33 8.84 8.70
N MET B 80 8.82 8.64 7.48
CA MET B 80 8.96 7.28 6.92
C MET B 80 9.93 6.48 7.79
N MET B 81 11.04 7.08 8.20
CA MET B 81 12.02 6.34 8.99
C MET B 81 11.46 5.92 10.35
N LYS B 82 10.63 6.76 10.95
CA LYS B 82 9.93 6.40 12.18
C LYS B 82 8.98 5.21 11.98
N MET B 83 8.21 5.21 10.89
CA MET B 83 7.29 4.11 10.61
C MET B 83 8.01 2.79 10.31
N ILE B 84 9.16 2.86 9.66
CA ILE B 84 9.93 1.65 9.30
C ILE B 84 10.52 0.98 10.52
N GLY B 85 10.89 1.77 11.52
CA GLY B 85 11.49 1.20 12.73
C GLY B 85 12.93 0.76 12.54
N LYS B 86 13.50 0.23 13.61
CA LYS B 86 14.94 0.03 13.75
C LYS B 86 15.36 -1.37 13.35
N HIS B 87 16.52 -1.44 12.72
CA HIS B 87 17.15 -2.71 12.42
C HIS B 87 18.62 -2.41 12.20
N LYS B 88 19.48 -3.28 12.70
CA LYS B 88 20.91 -2.98 12.69
C LYS B 88 21.59 -2.92 11.33
N ASN B 89 20.97 -3.52 10.30
CA ASN B 89 21.49 -3.47 8.94
C ASN B 89 20.79 -2.43 8.07
N ILE B 90 20.11 -1.49 8.71
CA ILE B 90 19.69 -0.26 8.02
C ILE B 90 20.26 0.97 8.73
N ILE B 91 20.38 2.06 8.00
CA ILE B 91 20.71 3.37 8.57
C ILE B 91 19.52 3.82 9.39
N ASN B 92 19.68 3.91 10.72
CA ASN B 92 18.55 4.20 11.60
C ASN B 92 18.42 5.64 12.03
N LEU B 93 17.17 6.06 12.23
CA LEU B 93 16.84 7.35 12.85
C LEU B 93 17.21 7.33 14.33
N LEU B 94 17.89 8.39 14.76
CA LEU B 94 18.31 8.55 16.14
C LEU B 94 17.62 9.73 16.82
N GLY B 95 17.42 10.84 16.09
CA GLY B 95 16.63 11.95 16.62
C GLY B 95 16.39 13.07 15.63
N ALA B 96 15.87 14.19 16.14
CA ALA B 96 15.67 15.38 15.32
C ALA B 96 15.60 16.63 16.18
N CYS B 97 15.93 17.76 15.55
CA CYS B 97 15.71 19.08 16.10
C CYS B 97 14.70 19.74 15.17
N THR B 98 13.48 19.93 15.66
CA THR B 98 12.36 20.37 14.81
C THR B 98 11.88 21.77 15.12
N GLN B 99 12.32 22.36 16.24
CA GLN B 99 11.73 23.59 16.77
C GLN B 99 12.70 24.76 16.74
N ASP B 100 12.11 25.96 16.57
CA ASP B 100 12.83 27.23 16.63
C ASP B 100 14.14 27.17 15.90
N GLY B 101 14.07 26.89 14.60
CA GLY B 101 15.26 26.77 13.78
C GLY B 101 15.13 25.72 12.69
N PRO B 102 16.18 25.54 11.88
CA PRO B 102 16.15 24.61 10.76
C PRO B 102 15.94 23.20 11.21
N LEU B 103 15.17 22.45 10.43
CA LEU B 103 14.92 21.05 10.69
C LEU B 103 16.22 20.25 10.51
N TYR B 104 16.61 19.49 11.54
CA TYR B 104 17.76 18.59 11.51
C TYR B 104 17.23 17.17 11.74
N VAL B 105 17.54 16.25 10.82
CA VAL B 105 17.17 14.85 10.96
C VAL B 105 18.44 14.05 11.24
N ILE B 106 18.49 13.41 12.39
CA ILE B 106 19.76 12.85 12.88
C ILE B 106 19.74 11.34 12.70
N VAL B 107 20.76 10.81 12.03
CA VAL B 107 20.82 9.38 11.78
C VAL B 107 22.18 8.80 12.15
N GLU B 108 22.30 7.47 12.04
CA GLU B 108 23.57 6.78 12.30
C GLU B 108 24.62 7.21 11.28
N TYR B 109 25.86 7.32 11.75
CA TYR B 109 26.99 7.64 10.90
C TYR B 109 27.71 6.35 10.58
N ALA B 110 28.14 6.21 9.33
CA ALA B 110 28.90 5.07 8.86
C ALA B 110 30.29 5.54 8.41
N SER B 111 31.27 5.43 9.31
CA SER B 111 32.59 6.01 9.08
C SER B 111 33.37 5.50 7.85
N LYS B 112 33.12 4.28 7.41
CA LYS B 112 33.95 3.71 6.32
C LYS B 112 33.35 3.91 4.93
N GLY B 113 32.39 4.81 4.79
CA GLY B 113 31.79 5.12 3.50
C GLY B 113 30.90 4.04 2.91
N ASN B 114 30.67 4.11 1.61
CA ASN B 114 29.75 3.17 0.96
C ASN B 114 30.47 1.88 0.56
N LEU B 115 29.69 0.84 0.27
CA LEU B 115 30.26 -0.50 0.12
C LEU B 115 31.10 -0.64 -1.15
N ARG B 116 30.77 0.08 -2.21
CA ARG B 116 31.54 -0.06 -3.43
C ARG B 116 32.97 0.40 -3.15
N GLU B 117 33.10 1.63 -2.64
CA GLU B 117 34.41 2.19 -2.35
C GLU B 117 35.12 1.36 -1.28
N TYR B 118 34.36 0.82 -0.36
CA TYR B 118 34.91 -0.07 0.66
C TYR B 118 35.57 -1.31 0.02
N LEU B 119 34.90 -1.93 -0.95
CA LEU B 119 35.43 -3.12 -1.63
C LEU B 119 36.64 -2.83 -2.50
N GLN B 120 36.57 -1.73 -3.25
CA GLN B 120 37.65 -1.36 -4.16
C GLN B 120 38.96 -1.05 -3.44
N ALA B 121 38.84 -0.41 -2.28
CA ALA B 121 40.01 -0.07 -1.47
C ALA B 121 40.68 -1.29 -0.84
N ARG B 122 40.01 -2.46 -0.82
CA ARG B 122 40.53 -3.67 -0.17
C ARG B 122 40.80 -4.78 -1.18
N ARG B 123 41.19 -4.39 -2.38
CA ARG B 123 41.42 -5.32 -3.48
C ARG B 123 42.81 -5.94 -3.43
N PRO B 124 42.91 -7.25 -3.75
CA PRO B 124 44.23 -7.87 -3.99
C PRO B 124 44.80 -7.46 -5.35
N GLN B 140 43.13 -6.81 2.87
CA GLN B 140 42.40 -7.89 2.21
C GLN B 140 41.12 -8.20 2.99
N LEU B 141 40.15 -8.79 2.28
CA LEU B 141 38.91 -9.29 2.82
C LEU B 141 38.86 -10.77 2.49
N SER B 142 38.54 -11.61 3.47
CA SER B 142 38.45 -13.06 3.22
C SER B 142 37.17 -13.37 2.49
N SER B 143 37.07 -14.59 1.96
CA SER B 143 35.83 -15.06 1.36
C SER B 143 34.69 -14.98 2.38
N LYS B 144 35.00 -15.28 3.64
CA LYS B 144 34.02 -15.25 4.71
C LYS B 144 33.51 -13.83 4.98
N ASP B 145 34.40 -12.85 4.98
CA ASP B 145 34.02 -11.46 5.16
C ASP B 145 33.03 -11.09 4.07
N LEU B 146 33.33 -11.49 2.84
CA LEU B 146 32.52 -11.13 1.69
C LEU B 146 31.14 -11.79 1.78
N VAL B 147 31.08 -13.05 2.18
CA VAL B 147 29.81 -13.73 2.28
C VAL B 147 28.99 -13.13 3.44
N SER B 148 29.67 -12.79 4.53
CA SER B 148 29.03 -12.12 5.67
C SER B 148 28.47 -10.76 5.24
N CYS B 149 29.23 -10.04 4.41
CA CYS B 149 28.77 -8.79 3.85
C CYS B 149 27.45 -9.01 3.13
N ALA B 150 27.40 -10.01 2.24
CA ALA B 150 26.17 -10.28 1.48
C ALA B 150 25.02 -10.69 2.41
N TYR B 151 25.30 -11.50 3.41
CA TYR B 151 24.34 -11.87 4.43
C TYR B 151 23.70 -10.61 5.07
N GLN B 152 24.52 -9.64 5.42
CA GLN B 152 24.05 -8.45 6.15
C GLN B 152 23.12 -7.57 5.29
N VAL B 153 23.52 -7.34 4.04
CA VAL B 153 22.73 -6.56 3.13
C VAL B 153 21.39 -7.28 2.95
N ALA B 154 21.43 -8.60 2.85
CA ALA B 154 20.23 -9.39 2.66
C ALA B 154 19.34 -9.27 3.89
N ARG B 155 19.95 -9.37 5.07
CA ARG B 155 19.22 -9.20 6.33
C ARG B 155 18.53 -7.84 6.45
N GLY B 156 19.19 -6.80 5.98
CA GLY B 156 18.60 -5.49 5.95
C GLY B 156 17.42 -5.40 4.99
N MET B 157 17.54 -5.97 3.80
CA MET B 157 16.42 -6.03 2.84
C MET B 157 15.26 -6.90 3.32
N GLU B 158 15.55 -8.02 3.95
CA GLU B 158 14.50 -8.84 4.55
C GLU B 158 13.64 -8.02 5.52
N TYR B 159 14.30 -7.24 6.38
CA TYR B 159 13.57 -6.42 7.34
C TYR B 159 12.76 -5.33 6.62
N LEU B 160 13.40 -4.62 5.69
CA LEU B 160 12.68 -3.57 4.96
C LEU B 160 11.47 -4.16 4.23
N ALA B 161 11.69 -5.23 3.47
CA ALA B 161 10.60 -5.93 2.79
C ALA B 161 9.50 -6.37 3.76
N SER B 162 9.86 -6.85 4.94
CA SER B 162 8.85 -7.24 5.92
C SER B 162 8.01 -6.04 6.32
N LYS B 163 8.59 -4.85 6.26
CA LYS B 163 7.84 -3.62 6.50
C LYS B 163 7.22 -2.98 5.26
N LYS B 164 7.03 -3.75 4.18
CA LYS B 164 6.43 -3.25 2.91
C LYS B 164 7.28 -2.16 2.22
N CYS B 165 8.58 -2.09 2.51
CA CYS B 165 9.42 -1.07 1.87
C CYS B 165 10.14 -1.66 0.65
N ILE B 166 9.80 -1.13 -0.53
CA ILE B 166 10.51 -1.49 -1.75
C ILE B 166 11.59 -0.44 -1.96
N HIS B 167 12.86 -0.84 -1.94
CA HIS B 167 13.98 0.13 -2.02
C HIS B 167 14.01 0.89 -3.33
N ARG B 168 13.95 0.17 -4.44
CA ARG B 168 13.97 0.75 -5.81
C ARG B 168 15.36 1.10 -6.38
N ASP B 169 16.39 1.12 -5.56
CA ASP B 169 17.71 1.54 -6.02
C ASP B 169 18.82 0.87 -5.22
N LEU B 170 18.61 -0.40 -4.93
CA LEU B 170 19.59 -1.20 -4.22
C LEU B 170 20.82 -1.44 -5.08
N ALA B 171 21.99 -1.31 -4.47
CA ALA B 171 23.27 -1.34 -5.16
C ALA B 171 24.31 -1.08 -4.09
N ALA B 172 25.58 -1.39 -4.34
CA ALA B 172 26.53 -1.32 -3.24
C ALA B 172 26.82 0.14 -2.87
N ARG B 173 26.60 1.05 -3.83
CA ARG B 173 26.71 2.47 -3.55
C ARG B 173 25.74 2.90 -2.45
N ASN B 174 24.63 2.18 -2.30
CA ASN B 174 23.58 2.49 -1.33
C ASN B 174 23.58 1.57 -0.14
N VAL B 175 24.75 1.03 0.17
CA VAL B 175 25.02 0.31 1.40
C VAL B 175 26.20 1.03 2.05
N LEU B 176 26.10 1.34 3.33
CA LEU B 176 27.16 2.02 4.05
C LEU B 176 27.74 1.08 5.10
N VAL B 177 28.98 1.34 5.48
CA VAL B 177 29.75 0.46 6.36
C VAL B 177 30.20 1.21 7.60
N THR B 178 29.75 0.75 8.77
CA THR B 178 30.12 1.41 10.03
C THR B 178 31.58 1.19 10.36
N GLU B 179 32.02 1.90 11.40
CA GLU B 179 33.36 1.72 11.97
C GLU B 179 33.61 0.28 12.43
N ASP B 180 32.53 -0.43 12.78
CA ASP B 180 32.63 -1.83 13.17
C ASP B 180 32.32 -2.79 12.01
N ASN B 181 32.45 -2.30 10.77
CA ASN B 181 32.15 -3.10 9.58
C ASN B 181 30.73 -3.68 9.49
N VAL B 182 29.76 -3.03 10.13
CA VAL B 182 28.36 -3.43 10.02
C VAL B 182 27.84 -2.83 8.74
N MET B 183 27.14 -3.62 7.93
CA MET B 183 26.57 -3.15 6.69
C MET B 183 25.18 -2.57 6.96
N LYS B 184 24.90 -1.42 6.36
CA LYS B 184 23.64 -0.71 6.57
C LYS B 184 23.08 -0.16 5.28
N ILE B 185 21.84 -0.52 4.99
CA ILE B 185 21.12 -0.03 3.81
C ILE B 185 20.84 1.48 3.91
N ALA B 186 21.22 2.22 2.88
CA ALA B 186 21.01 3.66 2.83
C ALA B 186 19.87 4.00 1.89
N ASP B 187 19.24 5.15 2.13
CA ASP B 187 18.27 5.78 1.21
C ASP B 187 17.11 4.89 0.76
N PHE B 188 16.64 4.08 1.70
CA PHE B 188 15.43 3.30 1.56
C PHE B 188 14.19 4.19 1.76
N GLY B 189 13.02 3.69 1.39
CA GLY B 189 11.76 4.44 1.54
C GLY B 189 11.59 5.66 0.65
N LEU B 190 12.27 5.63 -0.50
CA LEU B 190 12.36 6.77 -1.41
C LEU B 190 12.01 6.32 -2.84
N PRO B 209 22.40 3.64 -13.14
CA PRO B 209 21.45 3.05 -12.18
C PRO B 209 20.54 2.00 -12.83
N VAL B 210 20.27 2.14 -14.12
CA VAL B 210 19.41 1.17 -14.79
C VAL B 210 20.08 -0.19 -14.92
N LYS B 211 21.39 -0.25 -14.68
CA LYS B 211 22.13 -1.51 -14.71
C LYS B 211 21.89 -2.35 -13.47
N TRP B 212 21.14 -1.83 -12.49
CA TRP B 212 20.69 -2.57 -11.33
C TRP B 212 19.19 -2.90 -11.34
N MET B 213 18.52 -2.46 -12.39
CA MET B 213 17.06 -2.53 -12.54
C MET B 213 16.64 -3.81 -13.24
N ALA B 214 15.63 -4.48 -12.69
CA ALA B 214 15.06 -5.67 -13.36
C ALA B 214 14.39 -5.25 -14.67
N PRO B 215 14.49 -6.07 -15.73
CA PRO B 215 13.89 -5.74 -17.02
C PRO B 215 12.40 -5.38 -16.94
N GLU B 216 11.61 -6.20 -16.25
CA GLU B 216 10.15 -6.03 -16.19
C GLU B 216 9.74 -4.67 -15.61
N ALA B 217 10.64 -4.00 -14.88
CA ALA B 217 10.35 -2.67 -14.29
C ALA B 217 10.15 -1.61 -15.37
N LEU B 218 10.83 -1.77 -16.50
CA LEU B 218 10.65 -0.92 -17.67
C LEU B 218 9.26 -1.02 -18.29
N PHE B 219 8.82 -2.24 -18.58
CA PHE B 219 7.52 -2.46 -19.21
C PHE B 219 6.39 -2.19 -18.22
N ASP B 220 6.48 -2.78 -17.03
CA ASP B 220 5.47 -2.57 -15.98
C ASP B 220 5.36 -1.10 -15.56
N ARG B 221 6.50 -0.41 -15.53
CA ARG B 221 6.57 0.95 -15.02
C ARG B 221 6.39 0.93 -13.49
N ILE B 222 6.80 -0.16 -12.86
CA ILE B 222 6.66 -0.31 -11.41
C ILE B 222 7.75 -1.21 -10.88
N TYR B 223 8.34 -0.82 -9.75
CA TYR B 223 9.24 -1.67 -9.03
C TYR B 223 8.45 -2.61 -8.12
N THR B 224 9.10 -3.69 -7.68
CA THR B 224 8.51 -4.62 -6.73
C THR B 224 9.61 -5.15 -5.82
N HIS B 225 9.21 -5.91 -4.80
CA HIS B 225 10.19 -6.61 -4.00
C HIS B 225 10.96 -7.60 -4.87
N GLN B 226 10.34 -8.09 -5.92
CA GLN B 226 11.03 -9.01 -6.83
C GLN B 226 12.09 -8.29 -7.67
N SER B 227 11.79 -7.07 -8.09
CA SER B 227 12.77 -6.26 -8.81
C SER B 227 13.96 -5.89 -7.90
N ASP B 228 13.70 -5.64 -6.60
CA ASP B 228 14.77 -5.46 -5.60
C ASP B 228 15.66 -6.70 -5.45
N VAL B 229 15.07 -7.89 -5.53
CA VAL B 229 15.88 -9.12 -5.48
C VAL B 229 16.85 -9.19 -6.69
N TRP B 230 16.36 -8.78 -7.86
CA TRP B 230 17.21 -8.66 -9.07
C TRP B 230 18.39 -7.72 -8.77
N SER B 231 18.10 -6.54 -8.24
CA SER B 231 19.13 -5.54 -7.86
C SER B 231 20.16 -6.17 -6.92
N PHE B 232 19.66 -6.94 -5.95
CA PHE B 232 20.51 -7.64 -5.01
C PHE B 232 21.46 -8.59 -5.69
N GLY B 233 21.01 -9.20 -6.80
CA GLY B 233 21.87 -10.09 -7.56
C GLY B 233 23.06 -9.35 -8.14
N VAL B 234 22.79 -8.18 -8.67
CA VAL B 234 23.84 -7.31 -9.17
C VAL B 234 24.77 -6.88 -8.01
N LEU B 235 24.17 -6.70 -6.84
CA LEU B 235 24.91 -6.28 -5.68
C LEU B 235 25.82 -7.42 -5.24
N LEU B 236 25.32 -8.65 -5.28
CA LEU B 236 26.18 -9.82 -4.99
C LEU B 236 27.37 -9.90 -5.92
N TRP B 237 27.12 -9.70 -7.21
CA TRP B 237 28.19 -9.63 -8.22
C TRP B 237 29.15 -8.47 -7.95
N GLU B 238 28.64 -7.34 -7.44
CA GLU B 238 29.53 -6.25 -7.00
C GLU B 238 30.40 -6.70 -5.84
N ILE B 239 29.81 -7.43 -4.90
CA ILE B 239 30.58 -7.91 -3.77
C ILE B 239 31.73 -8.78 -4.23
N PHE B 240 31.48 -9.79 -5.05
CA PHE B 240 32.53 -10.75 -5.42
C PHE B 240 33.45 -10.34 -6.57
N THR B 241 33.19 -9.17 -7.17
CA THR B 241 34.20 -8.53 -8.04
C THR B 241 34.87 -7.37 -7.29
N LEU B 242 34.55 -7.22 -6.01
CA LEU B 242 35.13 -6.16 -5.19
C LEU B 242 34.87 -4.80 -5.79
N GLY B 243 33.61 -4.49 -6.01
CA GLY B 243 33.20 -3.20 -6.53
C GLY B 243 33.36 -3.04 -8.02
N GLY B 244 33.31 -4.13 -8.79
CA GLY B 244 33.35 -4.04 -10.25
C GLY B 244 32.11 -3.34 -10.81
N SER B 245 32.25 -2.77 -11.99
CA SER B 245 31.17 -2.05 -12.68
C SER B 245 30.42 -3.00 -13.60
N PRO B 246 29.10 -3.14 -13.42
CA PRO B 246 28.36 -4.12 -14.22
C PRO B 246 28.16 -3.70 -15.66
N TYR B 247 28.26 -4.66 -16.57
CA TYR B 247 28.01 -4.44 -17.99
C TYR B 247 28.83 -3.27 -18.54
N PRO B 248 30.12 -3.20 -18.21
CA PRO B 248 30.87 -2.02 -18.59
C PRO B 248 30.88 -1.77 -20.10
N GLY B 249 30.60 -0.51 -20.45
CA GLY B 249 30.56 -0.07 -21.83
C GLY B 249 29.35 -0.50 -22.64
N VAL B 250 28.33 -1.09 -22.02
CA VAL B 250 27.12 -1.44 -22.77
C VAL B 250 26.08 -0.35 -22.59
N PRO B 251 25.70 0.36 -23.66
CA PRO B 251 24.66 1.38 -23.46
C PRO B 251 23.31 0.77 -23.08
N VAL B 252 22.39 1.61 -22.66
CA VAL B 252 21.12 1.15 -22.11
C VAL B 252 20.28 0.30 -23.10
N GLU B 253 20.17 0.75 -24.34
CA GLU B 253 19.34 0.05 -25.29
C GLU B 253 19.84 -1.37 -25.57
N GLU B 254 21.15 -1.52 -25.58
CA GLU B 254 21.78 -2.80 -25.89
C GLU B 254 21.62 -3.74 -24.70
N LEU B 255 21.83 -3.20 -23.50
CA LEU B 255 21.65 -3.97 -22.26
C LEU B 255 20.30 -4.71 -22.23
N PHE B 256 19.22 -3.97 -22.45
CA PHE B 256 17.89 -4.56 -22.27
C PHE B 256 17.58 -5.56 -23.37
N LYS B 257 17.96 -5.22 -24.59
CA LYS B 257 17.96 -6.19 -25.68
C LYS B 257 18.72 -7.46 -25.25
N LEU B 258 19.94 -7.30 -24.77
CA LEU B 258 20.72 -8.46 -24.29
C LEU B 258 20.03 -9.23 -23.14
N LEU B 259 19.53 -8.50 -22.14
CA LEU B 259 18.91 -9.14 -20.98
C LEU B 259 17.69 -9.96 -21.42
N LYS B 260 16.89 -9.42 -22.32
CA LYS B 260 15.74 -10.11 -22.89
C LYS B 260 16.12 -11.39 -23.64
N GLU B 261 17.26 -11.38 -24.32
CA GLU B 261 17.72 -12.57 -25.02
C GLU B 261 18.42 -13.59 -24.12
N GLY B 262 18.37 -13.42 -22.79
CA GLY B 262 18.93 -14.43 -21.87
C GLY B 262 20.33 -14.15 -21.29
N HIS B 263 20.96 -13.10 -21.80
CA HIS B 263 22.33 -12.78 -21.38
C HIS B 263 22.38 -12.27 -19.92
N ARG B 264 23.34 -12.79 -19.18
CA ARG B 264 23.61 -12.41 -17.81
C ARG B 264 25.13 -12.29 -17.64
N MET B 265 25.56 -11.59 -16.59
CA MET B 265 26.98 -11.41 -16.36
C MET B 265 27.59 -12.74 -15.97
N ASP B 266 28.90 -12.86 -16.21
CA ASP B 266 29.65 -14.06 -15.88
C ASP B 266 30.12 -14.15 -14.42
N LYS B 267 30.46 -15.37 -14.03
CA LYS B 267 30.93 -15.67 -12.69
C LYS B 267 32.21 -14.89 -12.44
N PRO B 268 32.22 -14.03 -11.40
CA PRO B 268 33.46 -13.38 -10.97
C PRO B 268 34.56 -14.39 -10.71
N SER B 269 35.80 -13.96 -10.92
CA SER B 269 36.98 -14.84 -10.88
C SER B 269 37.07 -15.69 -9.63
N ASN B 270 36.95 -15.07 -8.47
CA ASN B 270 37.03 -15.83 -7.23
C ASN B 270 35.66 -15.83 -6.61
N CYS B 271 34.87 -16.78 -7.06
CA CYS B 271 33.51 -16.91 -6.64
C CYS B 271 33.12 -18.34 -6.81
N THR B 272 32.50 -18.90 -5.78
CA THR B 272 32.06 -20.28 -5.81
C THR B 272 30.84 -20.36 -6.76
N ASN B 273 30.63 -21.53 -7.32
CA ASN B 273 29.49 -21.69 -8.20
C ASN B 273 28.19 -21.61 -7.41
N GLU B 274 28.20 -22.04 -6.15
CA GLU B 274 27.02 -21.86 -5.27
C GLU B 274 26.62 -20.37 -5.23
N LEU B 275 27.59 -19.48 -5.02
CA LEU B 275 27.26 -18.05 -4.91
C LEU B 275 26.84 -17.46 -6.28
N TYR B 276 27.45 -17.94 -7.35
CA TYR B 276 27.06 -17.55 -8.71
C TYR B 276 25.65 -18.05 -9.07
N MET B 277 25.28 -19.24 -8.60
CA MET B 277 23.91 -19.73 -8.81
C MET B 277 22.91 -18.86 -8.08
N MET B 278 23.26 -18.40 -6.89
CA MET B 278 22.40 -17.48 -6.17
C MET B 278 22.17 -16.19 -6.96
N MET B 279 23.23 -15.62 -7.56
CA MET B 279 23.08 -14.42 -8.41
C MET B 279 22.15 -14.74 -9.59
N ARG B 280 22.33 -15.90 -10.20
CA ARG B 280 21.48 -16.24 -11.33
C ARG B 280 20.03 -16.41 -10.92
N ASP B 281 19.79 -17.03 -9.77
CA ASP B 281 18.42 -17.14 -9.23
C ASP B 281 17.77 -15.74 -9.13
N CYS B 282 18.50 -14.78 -8.54
CA CYS B 282 18.03 -13.40 -8.44
C CYS B 282 17.76 -12.79 -9.83
N TRP B 283 18.49 -13.21 -10.85
CA TRP B 283 18.26 -12.72 -12.21
C TRP B 283 17.29 -13.55 -13.06
N HIS B 284 16.46 -14.40 -12.44
CA HIS B 284 15.49 -15.16 -13.21
C HIS B 284 14.60 -14.14 -13.93
N ALA B 285 14.32 -14.44 -15.20
CA ALA B 285 13.41 -13.67 -16.04
C ALA B 285 12.01 -13.58 -15.48
N VAL B 286 11.51 -14.67 -14.89
CA VAL B 286 10.18 -14.69 -14.30
C VAL B 286 10.25 -14.26 -12.83
N PRO B 287 9.77 -13.04 -12.51
CA PRO B 287 9.91 -12.50 -11.16
C PRO B 287 9.52 -13.45 -10.02
N SER B 288 8.39 -14.13 -10.19
CA SER B 288 7.86 -15.01 -9.16
C SER B 288 8.76 -16.23 -8.90
N GLN B 289 9.70 -16.50 -9.80
CA GLN B 289 10.68 -17.57 -9.63
C GLN B 289 11.90 -17.12 -8.85
N ARG B 290 12.07 -15.83 -8.63
CA ARG B 290 13.24 -15.38 -7.93
C ARG B 290 13.13 -15.75 -6.44
N PRO B 291 14.26 -15.99 -5.78
CA PRO B 291 14.20 -16.18 -4.32
C PRO B 291 13.62 -14.95 -3.58
N THR B 292 13.03 -15.16 -2.43
CA THR B 292 12.64 -14.05 -1.58
C THR B 292 13.85 -13.65 -0.72
N PHE B 293 13.81 -12.43 -0.18
CA PHE B 293 14.87 -12.01 0.74
C PHE B 293 14.93 -12.90 1.95
N LYS B 294 13.78 -13.37 2.42
CA LYS B 294 13.77 -14.33 3.50
C LYS B 294 14.55 -15.61 3.12
N GLN B 295 14.34 -16.14 1.92
CA GLN B 295 15.07 -17.33 1.49
C GLN B 295 16.58 -17.03 1.24
N LEU B 296 16.90 -15.89 0.64
CA LEU B 296 18.30 -15.44 0.48
C LEU B 296 19.05 -15.36 1.81
N VAL B 297 18.36 -14.91 2.85
CA VAL B 297 18.97 -14.80 4.17
C VAL B 297 19.27 -16.16 4.78
N GLU B 298 18.31 -17.07 4.69
CA GLU B 298 18.51 -18.43 5.15
C GLU B 298 19.68 -19.12 4.45
N ASP B 299 19.72 -19.02 3.12
CA ASP B 299 20.77 -19.66 2.35
C ASP B 299 22.12 -19.02 2.69
N LEU B 300 22.16 -17.70 2.77
CA LEU B 300 23.45 -17.01 3.03
C LEU B 300 23.96 -17.30 4.41
N ASP B 301 23.06 -17.44 5.37
CA ASP B 301 23.41 -17.72 6.75
C ASP B 301 24.14 -19.05 6.85
N ARG B 302 23.65 -20.04 6.11
CA ARG B 302 24.28 -21.37 6.06
C ARG B 302 25.65 -21.26 5.37
N ILE B 303 25.75 -20.47 4.29
CA ILE B 303 27.03 -20.33 3.55
C ILE B 303 28.11 -19.62 4.40
N VAL B 304 27.74 -18.59 5.15
CA VAL B 304 28.68 -17.93 6.07
C VAL B 304 29.29 -18.94 7.03
N ALA B 305 28.45 -19.73 7.68
CA ALA B 305 28.92 -20.76 8.61
C ALA B 305 29.88 -21.76 7.92
N LEU B 306 29.54 -22.15 6.71
CA LEU B 306 30.35 -23.14 6.00
C LEU B 306 31.56 -22.56 5.24
N THR B 307 31.76 -21.26 5.28
CA THR B 307 32.87 -20.65 4.53
C THR B 307 34.07 -20.43 5.45
N SER B 308 35.26 -20.77 4.97
CA SER B 308 36.47 -20.67 5.79
C SER B 308 36.98 -19.20 5.92
N ASN B 309 37.55 -18.87 7.09
CA ASN B 309 38.10 -17.52 7.38
C ASN B 309 39.62 -17.52 7.27
#